data_2VXN
#
_entry.id   2VXN
#
_cell.length_a   98.360
_cell.length_b   50.650
_cell.length_c   58.660
_cell.angle_alpha   90.00
_cell.angle_beta   117.56
_cell.angle_gamma   90.00
#
_symmetry.space_group_name_H-M   'C 1 2 1'
#
loop_
_entity.id
_entity.type
_entity.pdbx_description
1 polymer 'TRIOSEPHOSPHATE ISOMERASE'
2 non-polymer 'PHOSPHOGLYCOLOHYDROXAMIC ACID'
3 non-polymer '2-PHOSPHOGLYCOLIC ACID'
4 non-polymer GLYCEROL
5 non-polymer 'ACETATE ION'
6 water water
#
_entity_poly.entity_id   1
_entity_poly.type   'polypeptide(L)'
_entity_poly.pdbx_seq_one_letter_code
;MSAKPQPIAAANWKCNGTTASIEKLVQVFNEHTISHDVQCVVAPTFVHIPLVQAKLRNPKYVISAQNAIAKSGAFTGEVS
MPILKDIGVHWVILGHSERRTYYGETDEIVAQKVSEACKQGFMVIACIGETLQQREANQTAKVVLSQTSAIAAKLTKDAW
NQVVLAYEPVWAIGTGKVATPEQAQEVHLLLRKWVSENIGTDVAAKLRILYGGSVNAANAATLYAKPDINGFLVGGASLK
PEFRDIIDATR
;
_entity_poly.pdbx_strand_id   A
#
loop_
_chem_comp.id
_chem_comp.type
_chem_comp.name
_chem_comp.formula
ACT non-polymer 'ACETATE ION' 'C2 H3 O2 -1'
GOL non-polymer GLYCEROL 'C3 H8 O3'
PGA non-polymer '2-PHOSPHOGLYCOLIC ACID' 'C2 H5 O6 P'
PGH non-polymer 'PHOSPHOGLYCOLOHYDROXAMIC ACID' 'C2 H6 N O6 P'
#
# COMPACT_ATOMS: atom_id res chain seq x y z
N ALA A 3 13.88 -12.06 11.95
CA ALA A 3 12.71 -11.35 12.46
C ALA A 3 12.06 -10.48 11.37
N LYS A 4 10.74 -10.44 11.34
CA LYS A 4 10.05 -9.60 10.40
C LYS A 4 10.39 -8.13 10.67
N PRO A 5 10.42 -7.34 9.61
CA PRO A 5 10.53 -5.89 9.78
C PRO A 5 9.24 -5.33 10.38
N GLN A 6 9.27 -4.05 10.72
CA GLN A 6 8.12 -3.36 11.28
C GLN A 6 6.93 -3.53 10.35
N PRO A 7 5.77 -3.98 10.86
CA PRO A 7 4.62 -4.10 9.98
C PRO A 7 4.00 -2.75 9.66
N ILE A 8 3.19 -2.78 8.60
CA ILE A 8 2.38 -1.64 8.19
C ILE A 8 0.91 -2.08 8.09
N ALA A 9 0.03 -1.20 8.61
CA ALA A 9 -1.41 -1.34 8.40
C ALA A 9 -1.87 -0.05 7.72
N ALA A 10 -2.26 -0.16 6.46
CA ALA A 10 -2.55 1.01 5.63
C ALA A 10 -4.01 1.01 5.19
N ALA A 11 -4.63 2.16 5.39
CA ALA A 11 -6.04 2.42 5.03
C ALA A 11 -6.08 3.20 3.72
N ASN A 12 -6.53 2.52 2.66
CA ASN A 12 -6.80 3.18 1.39
C ASN A 12 -8.28 3.50 1.35
N TRP A 13 -8.64 4.74 1.71
CA TRP A 13 -10.04 5.13 1.73
C TRP A 13 -10.63 5.28 0.34
N LYS A 14 -9.81 5.25 -0.71
CA LYS A 14 -10.28 5.41 -2.06
C LYS A 14 -11.08 6.71 -2.15
N CYS A 15 -12.08 6.75 -3.04
CA CYS A 15 -12.80 7.99 -3.30
C CYS A 15 -14.07 8.01 -2.42
N ASN A 16 -13.85 8.16 -1.10
CA ASN A 16 -14.92 8.04 -0.14
C ASN A 16 -14.67 8.97 1.05
N GLY A 17 -15.76 9.53 1.56
CA GLY A 17 -15.73 10.24 2.82
C GLY A 17 -16.57 11.50 2.79
N THR A 18 -17.05 11.88 3.96
CA THR A 18 -17.58 13.19 4.24
C THR A 18 -16.80 13.78 5.41
N THR A 19 -16.90 15.10 5.62
CA THR A 19 -16.27 15.63 6.80
C THR A 19 -16.78 14.93 8.05
N ALA A 20 -18.11 14.74 8.13
CA ALA A 20 -18.67 14.12 9.34
C ALA A 20 -18.19 12.69 9.51
N SER A 21 -18.16 11.91 8.43
CA SER A 21 -17.78 10.50 8.57
C SER A 21 -16.32 10.39 8.92
N ILE A 22 -15.48 11.23 8.34
CA ILE A 22 -14.05 11.21 8.61
C ILE A 22 -13.80 11.63 10.06
N GLU A 23 -14.47 12.68 10.53
CA GLU A 23 -14.24 13.08 11.92
C GLU A 23 -14.59 11.94 12.87
N LYS A 24 -15.69 11.23 12.63
CA LYS A 24 -16.07 10.13 13.50
C LYS A 24 -15.04 9.00 13.44
N LEU A 25 -14.62 8.62 12.24
CA LEU A 25 -13.71 7.48 12.10
C LEU A 25 -12.35 7.82 12.66
N VAL A 26 -11.86 9.05 12.42
CA VAL A 26 -10.60 9.46 12.97
C VAL A 26 -10.64 9.43 14.50
N GLN A 27 -11.76 9.85 15.10
CA GLN A 27 -11.86 9.77 16.56
C GLN A 27 -11.73 8.31 17.03
N VAL A 28 -12.38 7.37 16.33
CA VAL A 28 -12.25 5.97 16.65
C VAL A 28 -10.81 5.52 16.56
N PHE A 29 -10.11 5.93 15.51
CA PHE A 29 -8.71 5.57 15.37
C PHE A 29 -7.84 6.19 16.46
N ASN A 30 -8.14 7.45 16.82
CA ASN A 30 -7.40 8.12 17.86
C ASN A 30 -7.54 7.41 19.20
N GLU A 31 -8.77 6.94 19.50
CA GLU A 31 -9.06 6.36 20.82
C GLU A 31 -8.56 4.93 20.95
N HIS A 32 -8.16 4.30 19.85
N HIS A 32 -8.24 4.29 19.83
CA HIS A 32 -7.66 2.94 19.88
CA HIS A 32 -7.68 2.96 19.83
C HIS A 32 -6.16 3.01 20.16
C HIS A 32 -6.18 2.97 20.14
N THR A 33 -5.79 2.64 21.37
CA THR A 33 -4.43 2.77 21.81
C THR A 33 -3.63 1.62 21.31
N ILE A 34 -2.53 1.81 20.62
CA ILE A 34 -1.72 0.79 20.01
C ILE A 34 -0.38 0.64 20.80
N SER A 35 -0.10 -0.63 21.12
CA SER A 35 0.95 -0.96 22.06
C SER A 35 2.02 -1.85 21.45
N HIS A 36 2.13 -1.93 20.16
CA HIS A 36 3.21 -2.64 19.50
C HIS A 36 3.76 -1.75 18.37
N ASP A 37 4.93 -2.12 17.87
CA ASP A 37 5.59 -1.36 16.81
C ASP A 37 4.90 -1.65 15.45
N VAL A 38 4.20 -0.68 14.92
CA VAL A 38 3.50 -0.78 13.63
C VAL A 38 3.39 0.60 13.08
N GLN A 39 3.62 0.73 11.76
CA GLN A 39 3.34 1.98 11.08
C GLN A 39 1.92 1.89 10.51
N CYS A 40 1.02 2.71 11.07
CA CYS A 40 -0.30 2.83 10.51
C CYS A 40 -0.29 3.97 9.50
N VAL A 41 -1.06 3.83 8.43
CA VAL A 41 -1.12 4.80 7.36
C VAL A 41 -2.57 5.04 7.02
N VAL A 42 -2.97 6.31 6.85
CA VAL A 42 -4.28 6.63 6.31
C VAL A 42 -4.06 7.42 5.02
N ALA A 43 -4.73 6.97 3.95
CA ALA A 43 -4.66 7.62 2.64
C ALA A 43 -6.06 8.14 2.28
N PRO A 44 -6.35 9.39 2.64
CA PRO A 44 -7.63 9.99 2.29
C PRO A 44 -7.59 10.54 0.86
N THR A 45 -8.74 10.95 0.34
CA THR A 45 -8.73 11.72 -0.90
C THR A 45 -7.93 13.01 -0.69
N PHE A 46 -7.46 13.58 -1.82
CA PHE A 46 -6.63 14.78 -1.68
C PHE A 46 -7.34 15.89 -0.89
N VAL A 47 -8.63 16.10 -1.16
CA VAL A 47 -9.31 17.24 -0.55
C VAL A 47 -9.53 17.05 0.94
N HIS A 48 -9.44 15.79 1.42
CA HIS A 48 -9.58 15.45 2.81
C HIS A 48 -8.25 15.38 3.57
N ILE A 49 -7.11 15.55 2.87
CA ILE A 49 -5.84 15.48 3.56
C ILE A 49 -5.75 16.50 4.68
N PRO A 50 -6.10 17.77 4.45
CA PRO A 50 -5.97 18.75 5.56
C PRO A 50 -6.85 18.41 6.76
N LEU A 51 -8.04 17.92 6.54
CA LEU A 51 -8.91 17.54 7.68
C LEU A 51 -8.27 16.43 8.49
N VAL A 52 -7.76 15.40 7.79
CA VAL A 52 -7.11 14.31 8.50
C VAL A 52 -5.84 14.80 9.22
N GLN A 53 -5.08 15.70 8.57
CA GLN A 53 -3.91 16.24 9.25
C GLN A 53 -4.32 17.00 10.52
N ALA A 54 -5.45 17.66 10.53
CA ALA A 54 -5.92 18.43 11.65
C ALA A 54 -6.45 17.55 12.78
N LYS A 55 -7.02 16.41 12.46
CA LYS A 55 -7.78 15.61 13.43
C LYS A 55 -7.06 14.35 13.88
N LEU A 56 -6.27 13.72 13.03
CA LEU A 56 -5.62 12.46 13.37
C LEU A 56 -4.45 12.74 14.28
N ARG A 57 -4.42 12.11 15.44
CA ARG A 57 -3.41 12.33 16.44
C ARG A 57 -2.79 11.06 16.95
N ASN A 58 -3.30 9.88 16.62
CA ASN A 58 -2.71 8.66 17.14
C ASN A 58 -1.25 8.58 16.70
N PRO A 59 -0.30 8.39 17.63
CA PRO A 59 1.10 8.55 17.29
C PRO A 59 1.66 7.49 16.38
N LYS A 60 0.95 6.40 16.16
CA LYS A 60 1.38 5.35 15.25
C LYS A 60 1.05 5.64 13.77
N TYR A 61 0.37 6.75 13.48
CA TYR A 61 -0.13 7.02 12.13
C TYR A 61 0.69 8.04 11.38
N VAL A 62 0.71 7.86 10.06
CA VAL A 62 1.16 8.84 9.10
C VAL A 62 0.10 8.91 8.00
N ILE A 63 0.12 10.01 7.24
CA ILE A 63 -0.86 10.27 6.19
C ILE A 63 -0.20 10.10 4.83
N SER A 64 -0.92 9.44 3.92
CA SER A 64 -0.46 9.20 2.57
C SER A 64 -1.43 9.79 1.55
N ALA A 65 -0.88 10.14 0.39
CA ALA A 65 -1.73 10.38 -0.78
C ALA A 65 -2.03 9.03 -1.48
N GLN A 66 -3.09 9.06 -2.29
CA GLN A 66 -3.50 7.89 -3.07
C GLN A 66 -2.91 7.84 -4.49
N ASN A 67 -2.24 8.93 -4.90
CA ASN A 67 -1.67 9.08 -6.22
C ASN A 67 -0.91 10.41 -6.21
N ALA A 68 -0.12 10.63 -7.26
CA ALA A 68 0.47 11.93 -7.53
C ALA A 68 1.04 11.88 -8.95
N ILE A 69 1.34 13.07 -9.47
CA ILE A 69 2.20 13.21 -10.64
C ILE A 69 3.55 13.78 -10.17
N ALA A 70 4.58 13.58 -10.99
CA ALA A 70 5.94 13.88 -10.55
C ALA A 70 6.25 15.35 -10.40
N LYS A 71 5.72 16.19 -11.29
CA LYS A 71 6.13 17.57 -11.36
C LYS A 71 4.91 18.51 -11.40
N SER A 72 5.09 19.65 -10.78
CA SER A 72 4.14 20.75 -10.88
C SER A 72 4.14 21.34 -12.30
N GLY A 73 3.05 22.02 -12.61
CA GLY A 73 2.92 22.72 -13.87
C GLY A 73 1.50 22.64 -14.41
N ALA A 74 1.42 22.67 -15.74
CA ALA A 74 0.14 22.89 -16.43
C ALA A 74 -0.56 21.54 -16.66
N PHE A 75 -1.06 21.02 -15.52
CA PHE A 75 -1.67 19.69 -15.45
C PHE A 75 -2.99 19.83 -14.66
N THR A 76 -3.96 20.50 -15.31
CA THR A 76 -5.21 20.83 -14.63
C THR A 76 -5.83 19.56 -14.04
N GLY A 77 -6.18 19.66 -12.75
CA GLY A 77 -6.82 18.59 -12.02
C GLY A 77 -5.88 17.69 -11.24
N GLU A 78 -4.58 17.73 -11.48
CA GLU A 78 -3.65 16.79 -10.86
C GLU A 78 -2.95 17.43 -9.65
N VAL A 79 -2.39 16.58 -8.81
CA VAL A 79 -1.62 17.01 -7.64
C VAL A 79 -0.21 16.41 -7.76
N SER A 80 0.81 17.26 -7.61
CA SER A 80 2.18 16.83 -7.80
C SER A 80 2.86 16.45 -6.46
N MET A 81 3.97 15.72 -6.66
CA MET A 81 4.82 15.29 -5.54
C MET A 81 5.39 16.50 -4.79
N PRO A 82 5.88 17.55 -5.44
CA PRO A 82 6.39 18.69 -4.66
C PRO A 82 5.28 19.35 -3.82
N ILE A 83 4.06 19.43 -4.37
CA ILE A 83 2.96 20.01 -3.64
C ILE A 83 2.65 19.20 -2.39
N LEU A 84 2.60 17.88 -2.54
CA LEU A 84 2.37 17.02 -1.38
C LEU A 84 3.49 17.20 -0.33
N LYS A 85 4.75 17.16 -0.74
N LYS A 85 4.67 17.26 -0.85
CA LYS A 85 5.85 17.30 0.22
CA LYS A 85 5.73 17.37 0.14
C LYS A 85 5.67 18.63 0.97
C LYS A 85 5.68 18.63 0.96
N ASP A 86 5.36 19.72 0.26
CA ASP A 86 5.24 21.01 0.92
C ASP A 86 4.13 21.04 1.95
N ILE A 87 3.03 20.33 1.70
CA ILE A 87 1.94 20.31 2.65
C ILE A 87 2.13 19.25 3.74
N GLY A 88 3.26 18.56 3.76
CA GLY A 88 3.57 17.64 4.83
C GLY A 88 3.21 16.19 4.56
N VAL A 89 2.86 15.85 3.34
CA VAL A 89 2.58 14.47 2.98
C VAL A 89 3.78 13.89 2.28
N HIS A 90 4.35 12.83 2.91
CA HIS A 90 5.56 12.22 2.41
C HIS A 90 5.44 10.70 2.28
N TRP A 91 4.19 10.22 2.20
CA TRP A 91 3.86 8.87 1.79
C TRP A 91 2.93 8.98 0.57
N VAL A 92 3.06 8.02 -0.34
CA VAL A 92 2.16 7.97 -1.48
C VAL A 92 1.98 6.51 -1.90
N ILE A 93 0.73 6.18 -2.28
CA ILE A 93 0.39 4.94 -2.95
C ILE A 93 0.52 5.18 -4.46
N LEU A 94 1.26 4.29 -5.13
CA LEU A 94 1.45 4.42 -6.57
C LEU A 94 1.18 3.08 -7.25
N GLY A 95 0.58 3.18 -8.44
CA GLY A 95 0.31 1.99 -9.22
C GLY A 95 -0.83 1.13 -8.73
N HIS A 96 -1.76 1.71 -7.96
CA HIS A 96 -2.91 0.92 -7.57
C HIS A 96 -3.59 0.33 -8.79
N SER A 97 -4.15 -0.85 -8.63
CA SER A 97 -4.84 -1.50 -9.75
C SER A 97 -5.89 -0.63 -10.40
N GLU A 98 -6.65 0.15 -9.63
CA GLU A 98 -7.67 0.99 -10.26
C GLU A 98 -7.05 1.99 -11.19
N ARG A 99 -5.86 2.49 -10.86
CA ARG A 99 -5.18 3.43 -11.73
C ARG A 99 -4.54 2.75 -12.94
N ARG A 100 -3.99 1.55 -12.75
CA ARG A 100 -3.47 0.74 -13.85
C ARG A 100 -4.60 0.41 -14.86
N THR A 101 -5.80 0.16 -14.32
CA THR A 101 -6.89 -0.34 -15.14
C THR A 101 -7.74 0.79 -15.72
N TYR A 102 -8.11 1.79 -14.95
CA TYR A 102 -9.00 2.83 -15.39
C TYR A 102 -8.25 4.05 -15.94
N TYR A 103 -7.05 4.34 -15.44
CA TYR A 103 -6.45 5.62 -15.60
C TYR A 103 -5.08 5.55 -16.29
N GLY A 104 -4.88 4.51 -17.10
CA GLY A 104 -3.78 4.49 -18.04
C GLY A 104 -2.41 4.17 -17.50
N GLU A 105 -2.29 3.76 -16.25
CA GLU A 105 -0.97 3.62 -15.67
C GLU A 105 -0.33 2.26 -16.02
N THR A 106 0.49 2.33 -17.07
CA THR A 106 1.27 1.17 -17.51
C THR A 106 2.41 0.90 -16.51
N ASP A 107 3.09 -0.24 -16.70
CA ASP A 107 4.25 -0.52 -15.86
C ASP A 107 5.26 0.60 -15.97
N GLU A 108 5.51 1.12 -17.16
CA GLU A 108 6.47 2.21 -17.35
C GLU A 108 6.07 3.46 -16.57
N ILE A 109 4.78 3.82 -16.68
CA ILE A 109 4.30 4.99 -15.97
C ILE A 109 4.42 4.81 -14.45
N VAL A 110 4.01 3.65 -13.95
CA VAL A 110 4.13 3.38 -12.52
C VAL A 110 5.60 3.47 -12.09
N ALA A 111 6.47 2.78 -12.85
CA ALA A 111 7.89 2.77 -12.49
C ALA A 111 8.45 4.19 -12.45
N GLN A 112 8.09 5.02 -13.44
CA GLN A 112 8.60 6.36 -13.44
C GLN A 112 8.09 7.15 -12.22
N LYS A 113 6.80 6.99 -11.90
CA LYS A 113 6.27 7.68 -10.73
C LYS A 113 6.99 7.24 -9.44
N VAL A 114 7.19 5.92 -9.28
CA VAL A 114 7.86 5.44 -8.08
C VAL A 114 9.27 6.03 -7.97
N SER A 115 9.97 6.06 -9.12
CA SER A 115 11.33 6.58 -9.09
C SER A 115 11.36 8.05 -8.71
N GLU A 116 10.43 8.83 -9.29
N GLU A 116 10.45 8.83 -9.28
CA GLU A 116 10.36 10.24 -8.98
CA GLU A 116 10.42 10.23 -8.95
C GLU A 116 10.00 10.47 -7.52
C GLU A 116 10.03 10.46 -7.49
N ALA A 117 9.06 9.65 -6.99
CA ALA A 117 8.67 9.81 -5.60
C ALA A 117 9.83 9.50 -4.66
N CYS A 118 10.60 8.44 -4.97
CA CYS A 118 11.73 8.14 -4.10
C CYS A 118 12.73 9.28 -4.16
N LYS A 119 12.99 9.84 -5.35
CA LYS A 119 13.94 10.94 -5.46
C LYS A 119 13.49 12.12 -4.62
N GLN A 120 12.19 12.33 -4.52
CA GLN A 120 11.61 13.42 -3.75
C GLN A 120 11.38 13.06 -2.27
N GLY A 121 11.89 11.94 -1.82
CA GLY A 121 11.87 11.65 -0.40
C GLY A 121 10.58 11.04 0.11
N PHE A 122 9.75 10.47 -0.74
CA PHE A 122 8.57 9.78 -0.27
C PHE A 122 8.89 8.38 0.20
N MET A 123 8.10 7.92 1.17
CA MET A 123 7.83 6.49 1.34
C MET A 123 6.74 6.13 0.31
N VAL A 124 6.98 5.05 -0.43
CA VAL A 124 6.10 4.67 -1.51
C VAL A 124 5.52 3.29 -1.24
N ILE A 125 4.20 3.21 -1.29
CA ILE A 125 3.52 1.91 -1.32
C ILE A 125 3.21 1.62 -2.79
N ALA A 126 4.06 0.76 -3.37
CA ALA A 126 4.00 0.44 -4.80
C ALA A 126 3.17 -0.82 -4.97
N CYS A 127 2.08 -0.71 -5.73
CA CYS A 127 1.13 -1.80 -5.85
C CYS A 127 1.40 -2.65 -7.10
N ILE A 128 1.30 -3.95 -6.91
CA ILE A 128 1.51 -4.96 -7.95
C ILE A 128 0.40 -6.02 -7.79
N GLY A 129 0.21 -6.84 -8.81
CA GLY A 129 -0.79 -7.90 -8.69
C GLY A 129 -1.30 -8.35 -10.04
N GLU A 130 -1.64 -9.63 -10.11
CA GLU A 130 -2.14 -10.23 -11.34
C GLU A 130 -3.67 -10.20 -11.42
N THR A 131 -4.17 -10.29 -12.65
CA THR A 131 -5.58 -10.40 -12.90
C THR A 131 -6.06 -11.85 -12.75
N LEU A 132 -7.37 -12.00 -12.73
CA LEU A 132 -7.95 -13.34 -12.70
C LEU A 132 -7.50 -14.15 -13.90
N GLN A 133 -7.52 -13.58 -15.08
CA GLN A 133 -7.06 -14.33 -16.26
C GLN A 133 -5.60 -14.72 -16.15
N GLN A 134 -4.75 -13.85 -15.68
CA GLN A 134 -3.34 -14.16 -15.52
C GLN A 134 -3.13 -15.27 -14.54
N ARG A 135 -3.86 -15.25 -13.41
CA ARG A 135 -3.75 -16.34 -12.45
C ARG A 135 -4.16 -17.63 -13.11
N GLU A 136 -5.27 -17.67 -13.82
CA GLU A 136 -5.75 -18.93 -14.39
C GLU A 136 -4.81 -19.45 -15.48
N ALA A 137 -4.01 -18.58 -16.12
CA ALA A 137 -2.97 -18.97 -17.06
C ALA A 137 -1.64 -19.30 -16.44
N ASN A 138 -1.61 -19.42 -15.10
N ASN A 138 -1.62 -19.37 -15.09
CA ASN A 138 -0.42 -19.71 -14.33
CA ASN A 138 -0.36 -19.75 -14.48
C ASN A 138 0.68 -18.68 -14.57
C ASN A 138 0.71 -18.67 -14.68
N GLN A 139 0.30 -17.41 -14.75
CA GLN A 139 1.20 -16.32 -14.99
C GLN A 139 1.43 -15.42 -13.78
N THR A 140 0.96 -15.81 -12.61
CA THR A 140 1.09 -14.92 -11.46
C THR A 140 2.52 -14.48 -11.21
N ALA A 141 3.44 -15.43 -11.13
CA ALA A 141 4.85 -15.07 -10.85
C ALA A 141 5.40 -14.18 -11.97
N LYS A 142 5.19 -14.57 -13.22
CA LYS A 142 5.67 -13.80 -14.32
C LYS A 142 5.21 -12.35 -14.23
N VAL A 143 3.90 -12.17 -13.94
CA VAL A 143 3.33 -10.83 -13.89
C VAL A 143 3.91 -10.02 -12.74
N VAL A 144 3.86 -10.53 -11.52
CA VAL A 144 4.30 -9.71 -10.40
C VAL A 144 5.78 -9.44 -10.48
N LEU A 145 6.57 -10.37 -11.00
CA LEU A 145 8.00 -10.10 -11.17
C LEU A 145 8.25 -9.10 -12.28
N SER A 146 7.47 -9.10 -13.36
N SER A 146 7.49 -9.13 -13.37
CA SER A 146 7.52 -8.11 -14.41
CA SER A 146 7.63 -8.13 -14.39
C SER A 146 7.29 -6.71 -13.84
C SER A 146 7.24 -6.74 -13.89
N GLN A 147 6.19 -6.63 -13.08
CA GLN A 147 5.79 -5.36 -12.53
C GLN A 147 6.86 -4.83 -11.58
N THR A 148 7.40 -5.71 -10.73
CA THR A 148 8.40 -5.34 -9.77
C THR A 148 9.72 -4.95 -10.46
N SER A 149 10.12 -5.74 -11.45
CA SER A 149 11.37 -5.46 -12.15
C SER A 149 11.30 -4.17 -12.92
N ALA A 150 10.10 -3.80 -13.43
CA ALA A 150 9.95 -2.53 -14.12
C ALA A 150 10.25 -1.37 -13.17
N ILE A 151 9.68 -1.45 -11.95
CA ILE A 151 9.96 -0.47 -10.91
C ILE A 151 11.46 -0.47 -10.56
N ALA A 152 12.01 -1.65 -10.32
CA ALA A 152 13.40 -1.76 -9.89
C ALA A 152 14.38 -1.13 -10.87
N ALA A 153 14.06 -1.24 -12.17
CA ALA A 153 14.98 -0.74 -13.18
C ALA A 153 15.20 0.75 -13.08
N LYS A 154 14.34 1.49 -12.41
CA LYS A 154 14.46 2.93 -12.28
C LYS A 154 14.89 3.35 -10.88
N LEU A 155 15.29 2.41 -10.02
CA LEU A 155 15.70 2.69 -8.64
C LEU A 155 17.14 2.33 -8.39
N THR A 156 17.84 3.20 -7.63
CA THR A 156 19.09 2.82 -7.03
C THR A 156 18.84 1.86 -5.89
N LYS A 157 19.89 1.19 -5.47
CA LYS A 157 19.73 0.31 -4.32
C LYS A 157 19.24 1.07 -3.11
N ASP A 158 19.83 2.21 -2.83
CA ASP A 158 19.46 2.97 -1.62
C ASP A 158 18.03 3.47 -1.64
N ALA A 159 17.43 3.62 -2.79
CA ALA A 159 16.01 4.04 -2.87
C ALA A 159 15.08 3.01 -2.21
N TRP A 160 15.49 1.72 -2.20
CA TRP A 160 14.64 0.71 -1.63
C TRP A 160 14.34 0.86 -0.14
N ASN A 161 15.12 1.70 0.57
CA ASN A 161 14.80 2.00 1.90
C ASN A 161 13.43 2.72 2.03
N GLN A 162 12.98 3.30 0.92
CA GLN A 162 11.73 4.04 0.87
C GLN A 162 10.59 3.25 0.23
N VAL A 163 10.84 2.02 -0.19
CA VAL A 163 9.85 1.23 -0.92
C VAL A 163 9.15 0.26 0.01
N VAL A 164 7.84 0.17 -0.15
CA VAL A 164 6.97 -0.86 0.40
C VAL A 164 6.24 -1.47 -0.78
N LEU A 165 6.23 -2.80 -0.91
CA LEU A 165 5.46 -3.42 -1.97
C LEU A 165 4.09 -3.81 -1.40
N ALA A 166 3.03 -3.63 -2.20
CA ALA A 166 1.72 -4.12 -1.82
C ALA A 166 1.25 -5.06 -2.94
N TYR A 167 1.18 -6.34 -2.59
CA TYR A 167 0.65 -7.38 -3.47
C TYR A 167 -0.86 -7.44 -3.28
N GLU A 168 -1.60 -7.01 -4.32
N GLU A 168 -1.54 -7.03 -4.35
CA GLU A 168 -3.05 -6.98 -4.27
CA GLU A 168 -2.98 -7.02 -4.36
C GLU A 168 -3.55 -7.70 -5.52
C GLU A 168 -3.47 -7.75 -5.60
N PRO A 169 -3.81 -9.01 -5.46
CA PRO A 169 -4.35 -9.70 -6.64
C PRO A 169 -5.62 -8.99 -7.05
N VAL A 170 -5.76 -8.75 -8.35
CA VAL A 170 -6.85 -7.86 -8.79
C VAL A 170 -8.19 -8.48 -8.45
N TRP A 171 -8.25 -9.83 -8.57
CA TRP A 171 -9.46 -10.58 -8.31
C TRP A 171 -9.89 -10.57 -6.86
N ALA A 172 -9.06 -10.09 -5.95
CA ALA A 172 -9.38 -9.99 -4.54
C ALA A 172 -9.81 -8.57 -4.13
N ILE A 173 -9.69 -7.58 -5.04
CA ILE A 173 -9.95 -6.19 -4.66
C ILE A 173 -11.44 -5.91 -4.74
N GLY A 174 -12.05 -5.70 -3.56
CA GLY A 174 -13.45 -5.34 -3.50
C GLY A 174 -14.44 -6.44 -3.81
N THR A 175 -13.98 -7.67 -3.98
CA THR A 175 -14.81 -8.76 -4.50
C THR A 175 -15.31 -9.74 -3.48
N GLY A 176 -14.98 -9.46 -2.24
N GLY A 176 -14.88 -9.66 -2.23
CA GLY A 176 -15.44 -10.46 -1.26
CA GLY A 176 -14.91 -10.51 -1.05
C GLY A 176 -14.72 -11.81 -1.32
C GLY A 176 -13.99 -11.69 -1.02
N LYS A 177 -13.56 -11.84 -1.88
N LYS A 177 -13.36 -11.86 -2.15
CA LYS A 177 -12.81 -13.08 -2.13
CA LYS A 177 -12.60 -13.10 -2.30
C LYS A 177 -11.30 -12.80 -1.86
C LYS A 177 -11.15 -12.86 -1.91
N VAL A 178 -10.94 -12.86 -0.58
CA VAL A 178 -9.57 -12.69 -0.12
C VAL A 178 -8.72 -13.84 -0.63
N ALA A 179 -7.43 -13.56 -0.89
CA ALA A 179 -6.48 -14.65 -1.08
C ALA A 179 -6.34 -15.40 0.24
N THR A 180 -6.17 -16.73 0.13
CA THR A 180 -5.90 -17.49 1.31
C THR A 180 -4.49 -17.19 1.84
N PRO A 181 -4.21 -17.54 3.10
CA PRO A 181 -2.85 -17.33 3.61
C PRO A 181 -1.81 -18.02 2.74
N GLU A 182 -2.15 -19.23 2.25
CA GLU A 182 -1.21 -19.96 1.41
C GLU A 182 -1.03 -19.28 0.06
N GLN A 183 -2.11 -18.81 -0.56
CA GLN A 183 -1.98 -18.11 -1.82
C GLN A 183 -1.08 -16.86 -1.67
N ALA A 184 -1.38 -16.07 -0.65
CA ALA A 184 -0.63 -14.83 -0.47
C ALA A 184 0.84 -15.14 -0.14
N GLN A 185 1.07 -16.06 0.80
CA GLN A 185 2.44 -16.35 1.18
C GLN A 185 3.27 -16.84 0.00
N GLU A 186 2.70 -17.65 -0.89
CA GLU A 186 3.51 -18.13 -2.01
C GLU A 186 4.03 -16.96 -2.83
N VAL A 187 3.20 -15.95 -3.06
CA VAL A 187 3.60 -14.79 -3.84
C VAL A 187 4.60 -13.94 -3.05
N HIS A 188 4.32 -13.70 -1.78
CA HIS A 188 5.26 -12.88 -1.01
C HIS A 188 6.66 -13.55 -0.94
N LEU A 189 6.68 -14.89 -0.82
CA LEU A 189 7.95 -15.63 -0.79
C LEU A 189 8.73 -15.40 -2.08
N LEU A 190 8.05 -15.54 -3.22
CA LEU A 190 8.74 -15.41 -4.49
C LEU A 190 9.19 -13.96 -4.72
N LEU A 191 8.40 -13.00 -4.29
CA LEU A 191 8.80 -11.59 -4.40
C LEU A 191 10.05 -11.33 -3.55
N ARG A 192 10.03 -11.79 -2.32
CA ARG A 192 11.17 -11.53 -1.46
C ARG A 192 12.44 -12.21 -2.02
N LYS A 193 12.31 -13.40 -2.55
CA LYS A 193 13.47 -14.07 -3.16
C LYS A 193 14.02 -13.27 -4.30
N TRP A 194 13.13 -12.76 -5.17
CA TRP A 194 13.57 -11.92 -6.28
C TRP A 194 14.32 -10.70 -5.75
N VAL A 195 13.75 -10.02 -4.76
CA VAL A 195 14.42 -8.86 -4.22
C VAL A 195 15.78 -9.23 -3.63
N SER A 196 15.83 -10.34 -2.90
CA SER A 196 17.09 -10.74 -2.28
C SER A 196 18.20 -10.93 -3.33
N GLU A 197 17.84 -11.60 -4.42
CA GLU A 197 18.81 -11.95 -5.46
C GLU A 197 19.13 -10.76 -6.39
N ASN A 198 18.16 -9.89 -6.65
CA ASN A 198 18.31 -8.85 -7.65
C ASN A 198 18.71 -7.50 -7.07
N ILE A 199 18.31 -7.26 -5.82
CA ILE A 199 18.55 -5.97 -5.16
C ILE A 199 19.57 -6.16 -4.03
N GLY A 200 19.30 -7.06 -3.11
CA GLY A 200 20.26 -7.37 -2.07
C GLY A 200 19.62 -8.13 -0.92
N THR A 201 20.46 -8.91 -0.22
CA THR A 201 19.92 -9.72 0.90
C THR A 201 19.46 -8.80 2.03
N ASP A 202 20.18 -7.72 2.28
CA ASP A 202 19.83 -6.74 3.30
C ASP A 202 18.51 -6.04 2.99
N VAL A 203 18.36 -5.67 1.73
CA VAL A 203 17.16 -5.00 1.26
C VAL A 203 15.98 -5.94 1.47
N ALA A 204 16.13 -7.20 1.05
CA ALA A 204 15.01 -8.14 1.19
C ALA A 204 14.61 -8.36 2.62
N ALA A 205 15.56 -8.42 3.53
CA ALA A 205 15.22 -8.66 4.95
C ALA A 205 14.41 -7.50 5.52
N LYS A 206 14.66 -6.29 5.07
CA LYS A 206 14.02 -5.11 5.62
C LYS A 206 12.74 -4.72 4.89
N LEU A 207 12.52 -5.25 3.69
CA LEU A 207 11.43 -4.84 2.84
C LEU A 207 10.08 -5.28 3.44
N ARG A 208 9.16 -4.32 3.53
CA ARG A 208 7.77 -4.70 3.85
C ARG A 208 7.05 -5.04 2.54
N ILE A 209 6.46 -6.26 2.54
CA ILE A 209 5.60 -6.71 1.47
C ILE A 209 4.22 -6.91 2.13
N LEU A 210 3.29 -6.02 1.76
CA LEU A 210 1.94 -6.03 2.30
C LEU A 210 1.03 -6.81 1.36
N TYR A 211 -0.01 -7.40 1.95
CA TYR A 211 -1.08 -8.02 1.17
C TYR A 211 -2.30 -7.10 1.19
N GLY A 212 -3.00 -7.03 0.05
CA GLY A 212 -4.29 -6.39 0.03
C GLY A 212 -5.23 -7.10 -0.93
N GLY A 213 -6.52 -6.85 -0.67
CA GLY A 213 -7.60 -7.45 -1.44
C GLY A 213 -8.51 -8.21 -0.49
N SER A 214 -9.56 -7.55 -0.05
CA SER A 214 -10.56 -8.13 0.84
C SER A 214 -10.04 -8.47 2.22
N VAL A 215 -8.99 -7.81 2.70
CA VAL A 215 -8.59 -7.96 4.09
C VAL A 215 -9.70 -7.44 5.00
N ASN A 216 -9.99 -8.19 6.06
CA ASN A 216 -10.97 -7.73 7.04
C ASN A 216 -10.50 -8.15 8.42
N ALA A 217 -11.28 -7.76 9.45
CA ALA A 217 -10.86 -8.04 10.79
C ALA A 217 -10.74 -9.48 11.12
N ALA A 218 -11.55 -10.34 10.47
CA ALA A 218 -11.58 -11.74 10.77
C ALA A 218 -10.49 -12.54 10.04
N ASN A 219 -10.03 -12.11 8.89
CA ASN A 219 -9.05 -12.87 8.13
C ASN A 219 -7.62 -12.35 8.33
N ALA A 220 -7.44 -11.20 8.98
CA ALA A 220 -6.14 -10.59 8.97
C ALA A 220 -5.10 -11.35 9.79
N ALA A 221 -5.45 -11.86 10.97
CA ALA A 221 -4.40 -12.46 11.80
C ALA A 221 -3.80 -13.70 11.17
N THR A 222 -4.61 -14.53 10.51
CA THR A 222 -4.04 -15.74 9.91
C THR A 222 -3.23 -15.42 8.68
N LEU A 223 -3.54 -14.33 7.96
CA LEU A 223 -2.64 -13.83 6.92
C LEU A 223 -1.32 -13.38 7.54
N TYR A 224 -1.38 -12.58 8.61
CA TYR A 224 -0.15 -12.03 9.17
C TYR A 224 0.75 -13.12 9.75
N ALA A 225 0.16 -14.27 10.12
CA ALA A 225 0.98 -15.35 10.67
C ALA A 225 1.95 -15.91 9.64
N LYS A 226 1.71 -15.69 8.36
CA LYS A 226 2.64 -16.19 7.33
C LYS A 226 3.95 -15.41 7.36
N PRO A 227 5.07 -16.09 7.10
CA PRO A 227 6.37 -15.45 7.42
C PRO A 227 6.78 -14.32 6.51
N ASP A 228 6.21 -14.19 5.32
CA ASP A 228 6.64 -13.16 4.40
C ASP A 228 5.59 -12.07 4.18
N ILE A 229 4.56 -12.04 5.03
CA ILE A 229 3.51 -11.02 4.98
C ILE A 229 3.77 -10.03 6.11
N ASN A 230 3.92 -8.73 5.71
CA ASN A 230 4.32 -7.70 6.65
C ASN A 230 3.24 -6.66 6.97
N GLY A 231 1.98 -7.04 6.70
CA GLY A 231 0.86 -6.17 6.95
C GLY A 231 0.00 -6.05 5.70
N PHE A 232 -0.79 -4.97 5.67
CA PHE A 232 -1.97 -4.94 4.82
C PHE A 232 -2.19 -3.57 4.21
N LEU A 233 -2.72 -3.60 2.98
CA LEU A 233 -3.30 -2.44 2.34
C LEU A 233 -4.81 -2.73 2.24
N VAL A 234 -5.59 -1.92 2.96
CA VAL A 234 -6.98 -2.23 3.26
C VAL A 234 -7.88 -1.19 2.59
N GLY A 235 -8.83 -1.64 1.80
CA GLY A 235 -9.79 -0.75 1.16
C GLY A 235 -11.06 -0.67 2.00
N GLY A 236 -12.07 -1.48 1.66
CA GLY A 236 -13.38 -1.32 2.28
C GLY A 236 -13.37 -1.37 3.78
N ALA A 237 -12.61 -2.29 4.39
CA ALA A 237 -12.64 -2.42 5.85
C ALA A 237 -12.00 -1.23 6.53
N SER A 238 -11.21 -0.43 5.80
CA SER A 238 -10.51 0.68 6.42
C SER A 238 -11.40 1.92 6.61
N LEU A 239 -12.59 1.88 6.04
CA LEU A 239 -13.62 2.90 6.25
C LEU A 239 -14.46 2.61 7.49
N LYS A 240 -14.12 1.55 8.24
CA LYS A 240 -14.94 1.03 9.31
C LYS A 240 -14.10 0.89 10.56
N PRO A 241 -14.77 0.75 11.73
CA PRO A 241 -14.04 0.58 12.97
C PRO A 241 -13.20 -0.69 13.03
N GLU A 242 -13.48 -1.69 12.15
N GLU A 242 -13.56 -1.66 12.20
CA GLU A 242 -12.74 -2.92 11.91
CA GLU A 242 -12.73 -2.89 12.26
C GLU A 242 -11.27 -2.68 11.65
C GLU A 242 -11.33 -2.64 11.72
N PHE A 243 -10.95 -1.49 11.17
CA PHE A 243 -9.52 -1.25 10.92
C PHE A 243 -8.70 -1.41 12.19
N ARG A 244 -9.29 -1.09 13.35
CA ARG A 244 -8.58 -1.30 14.60
C ARG A 244 -8.13 -2.76 14.76
N ASP A 245 -9.03 -3.72 14.46
N ASP A 245 -9.08 -3.65 14.44
CA ASP A 245 -8.72 -5.13 14.53
CA ASP A 245 -8.69 -5.06 14.63
C ASP A 245 -7.60 -5.51 13.58
C ASP A 245 -7.66 -5.49 13.59
N ILE A 246 -7.61 -4.92 12.39
CA ILE A 246 -6.59 -5.21 11.39
C ILE A 246 -5.22 -4.75 11.90
N ILE A 247 -5.15 -3.55 12.47
CA ILE A 247 -3.92 -3.11 13.09
C ILE A 247 -3.48 -4.11 14.14
N ASP A 248 -4.40 -4.51 15.01
CA ASP A 248 -4.06 -5.42 16.09
C ASP A 248 -3.63 -6.79 15.59
N ALA A 249 -4.05 -7.16 14.39
CA ALA A 249 -3.65 -8.42 13.77
C ALA A 249 -2.18 -8.43 13.32
N THR A 250 -1.50 -7.29 13.39
CA THR A 250 -0.07 -7.23 13.10
C THR A 250 0.78 -7.39 14.35
N ARG A 251 0.17 -7.73 15.49
CA ARG A 251 0.92 -7.99 16.73
C ARG A 251 1.73 -9.30 16.62
C1 PGH B . -7.26 -2.13 -2.07
C2 PGH B . -7.99 -3.27 -1.36
N2 PGH B . -6.18 -1.74 -1.55
O2 PGH B . -5.41 -0.88 -2.18
O1 PGH B . -7.77 -1.71 -3.13
O1P PGH B . -9.41 -2.96 -1.40
O2P PGH B . -11.73 -3.22 -0.54
O3P PGH B . -10.45 -5.32 -1.32
O4P PGH B . -9.77 -4.11 0.82
P PGH B . -10.39 -3.98 -0.58
P PGA C . -10.47 -4.03 -0.53
P PGA C . -10.30 -4.02 -0.36
O1P PGA C . -9.55 -3.02 -1.38
O1P PGA C . -9.36 -3.00 -0.95
O2P PGA C . -11.79 -3.31 -0.60
O2P PGA C . -11.55 -3.22 -0.34
O3P PGA C . -10.41 -5.22 -1.22
O3P PGA C . -10.42 -5.07 -1.28
O4P PGA C . -9.80 -4.09 0.73
O4P PGA C . -9.81 -4.22 0.92
C2 PGA C . -8.16 -3.22 -1.47
C2 PGA C . -8.08 -2.93 -1.48
C1 PGA C . -7.39 -2.16 -2.19
C1 PGA C . -7.38 -1.65 -1.56
O1 PGA C . -6.24 -1.82 -1.87
O1 PGA C . -6.19 -1.49 -1.45
O2 PGA C . -7.76 -1.74 -3.24
O2 PGA C . -8.03 -0.69 -1.87
C1 GOL D . -7.38 13.75 -11.09
O1 GOL D . -8.30 14.78 -10.77
C2 GOL D . -6.68 13.27 -9.81
O2 GOL D . -5.76 14.28 -9.39
C3 GOL D . -5.93 11.95 -10.11
O3 GOL D . -5.15 11.56 -8.98
C1 GOL E . 16.33 -9.25 -15.21
O1 GOL E . 14.93 -9.08 -15.13
C2 GOL E . 16.97 -9.10 -13.84
O2 GOL E . 18.31 -9.45 -13.92
C3 GOL E . 16.87 -7.68 -13.32
O3 GOL E . 17.40 -7.55 -12.01
C1 GOL F . 11.50 -10.06 -14.34
O1 GOL F . 10.41 -10.18 -15.11
C2 GOL F . 12.50 -11.22 -14.35
O2 GOL F . 13.59 -10.81 -13.49
C3 GOL F . 11.84 -12.50 -13.77
O3 GOL F . 12.70 -13.61 -14.10
C1 GOL G . -17.19 -10.27 2.48
O1 GOL G . -16.81 -8.91 2.85
C2 GOL G . -16.11 -11.25 2.72
O2 GOL G . -14.85 -10.81 2.02
C3 GOL G . -16.47 -12.67 2.50
O3 GOL G . -17.13 -13.00 1.20
C1 GOL H . -7.42 -23.51 0.76
O1 GOL H . -7.51 -24.66 0.03
C2 GOL H . -5.98 -23.31 1.32
O2 GOL H . -6.13 -22.11 2.17
C3 GOL H . -4.89 -23.10 0.29
O3 GOL H . -5.17 -22.00 -0.62
C ACT I . -14.68 -3.57 15.10
O ACT I . -15.28 -2.54 15.09
OXT ACT I . -13.60 -3.42 15.69
CH3 ACT I . -15.11 -4.90 14.64
#